data_6Z6E
#
_entry.id   6Z6E
#
_cell.length_a   123.281
_cell.length_b   123.281
_cell.length_c   78.991
_cell.angle_alpha   90.000
_cell.angle_beta   90.000
_cell.angle_gamma   120.000
#
_symmetry.space_group_name_H-M   'H 3'
#
loop_
_entity.id
_entity.type
_entity.pdbx_description
1 polymer 'Terminase small subunit'
2 non-polymer 'IODIDE ION'
3 water water
#
_entity_poly.entity_id   1
_entity_poly.type   'polypeptide(L)'
_entity_poly.pdbx_seq_one_letter_code
;ADKRIRSDSSAAAVQAMKNAAVDTIDPPSHAGLEKKAEPFWHDNIRSKALDSWTPADLLAAVELANNQLYITVLRKDLRK
EERIRGEERDEGLIKDLRKQIVELQRTILAQRRDLQIHSHATNGESRDQKKRNQNDRDARNTKNEHQDQDDNLIAFPKHG
;
_entity_poly.pdbx_strand_id   A,B,C
#
# COMPACT_ATOMS: atom_id res chain seq x y z
N ALA A 20 1.12 25.16 -9.19
CA ALA A 20 2.16 25.18 -8.11
C ALA A 20 3.10 26.38 -8.24
N ALA A 21 3.66 26.81 -7.10
CA ALA A 21 4.80 27.74 -7.07
C ALA A 21 5.95 27.09 -7.83
N VAL A 22 6.85 27.90 -8.43
CA VAL A 22 7.81 27.39 -9.38
C VAL A 22 8.92 26.48 -8.79
N ASP A 23 9.00 26.46 -7.47
CA ASP A 23 9.96 25.62 -6.77
C ASP A 23 9.32 24.42 -6.09
N THR A 24 8.08 24.12 -6.44
CA THR A 24 7.40 22.94 -5.84
C THR A 24 6.48 22.27 -6.85
N ILE A 25 5.74 21.26 -6.37
CA ILE A 25 4.85 20.45 -7.17
C ILE A 25 3.55 20.33 -6.41
N ASP A 26 2.40 20.39 -7.10
CA ASP A 26 1.12 20.16 -6.47
C ASP A 26 0.97 18.69 -6.09
N PRO A 27 0.30 18.44 -4.97
CA PRO A 27 0.03 17.03 -4.63
C PRO A 27 -1.07 16.45 -5.54
N PRO A 28 -1.00 15.15 -5.81
CA PRO A 28 -2.04 14.48 -6.56
C PRO A 28 -3.37 14.51 -5.76
N SER A 29 -4.44 15.04 -6.34
CA SER A 29 -5.69 15.21 -5.59
CA SER A 29 -5.69 15.23 -5.59
C SER A 29 -6.27 13.93 -5.02
N HIS A 30 -6.18 12.87 -5.80
CA HIS A 30 -6.73 11.57 -5.40
C HIS A 30 -6.09 10.99 -4.14
N ALA A 31 -4.88 11.42 -3.82
CA ALA A 31 -4.15 10.87 -2.67
C ALA A 31 -4.58 11.46 -1.34
N GLY A 32 -5.30 12.56 -1.34
CA GLY A 32 -5.85 13.06 -0.08
C GLY A 32 -4.82 13.59 0.91
N LEU A 33 -3.97 14.46 0.44
CA LEU A 33 -3.10 15.21 1.35
C LEU A 33 -3.94 16.08 2.27
N GLU A 34 -3.77 15.96 3.57
CA GLU A 34 -4.50 16.79 4.51
C GLU A 34 -4.09 18.24 4.38
N LYS A 35 -5.04 19.18 4.52
CA LYS A 35 -4.70 20.59 4.36
C LYS A 35 -3.50 21.04 5.22
N LYS A 36 -3.51 20.63 6.50
CA LYS A 36 -2.46 21.04 7.40
C LYS A 36 -1.14 20.30 7.15
N ALA A 37 -1.14 19.31 6.27
CA ALA A 37 0.07 18.62 5.86
C ALA A 37 0.81 19.36 4.73
N GLU A 38 0.18 20.38 4.15
CA GLU A 38 0.82 21.09 3.05
C GLU A 38 2.23 21.64 3.32
N PRO A 39 2.47 22.28 4.48
CA PRO A 39 3.84 22.78 4.68
C PRO A 39 4.87 21.65 4.80
N PHE A 40 4.43 20.49 5.29
CA PHE A 40 5.33 19.33 5.32
C PHE A 40 5.62 18.82 3.92
N TRP A 41 4.57 18.70 3.11
CA TRP A 41 4.65 18.33 1.71
C TRP A 41 5.69 19.16 0.99
N HIS A 42 5.56 20.48 1.08
CA HIS A 42 6.47 21.33 0.32
C HIS A 42 7.90 21.21 0.79
N ASP A 43 8.12 21.01 2.09
CA ASP A 43 9.46 20.81 2.60
C ASP A 43 10.09 19.57 1.98
N ASN A 44 9.32 18.50 1.92
CA ASN A 44 9.83 17.27 1.33
C ASN A 44 10.11 17.39 -0.16
N ILE A 45 9.20 18.01 -0.90
CA ILE A 45 9.38 18.16 -2.35
C ILE A 45 10.65 18.93 -2.64
N ARG A 46 10.91 19.94 -1.83
CA ARG A 46 12.07 20.81 -2.04
C ARG A 46 13.40 20.20 -1.57
N SER A 47 13.40 18.92 -1.18
CA SER A 47 14.58 18.27 -0.68
C SER A 47 15.24 17.32 -1.69
N LYS A 48 14.69 17.20 -2.90
CA LYS A 48 15.43 16.61 -4.02
C LYS A 48 14.98 17.33 -5.29
N ALA A 49 15.73 17.14 -6.36
CA ALA A 49 15.45 17.90 -7.59
C ALA A 49 14.02 17.69 -8.06
N LEU A 50 13.36 18.76 -8.50
CA LEU A 50 11.99 18.68 -8.96
C LEU A 50 11.78 17.64 -10.05
N ASP A 51 12.74 17.52 -10.96
CA ASP A 51 12.62 16.59 -12.07
C ASP A 51 12.80 15.12 -11.70
N SER A 52 13.17 14.85 -10.44
CA SER A 52 13.35 13.47 -9.97
C SER A 52 12.12 12.93 -9.25
N TRP A 53 11.07 13.74 -9.09
CA TRP A 53 9.81 13.31 -8.53
C TRP A 53 8.95 12.62 -9.59
N THR A 54 8.90 11.29 -9.59
CA THR A 54 8.00 10.58 -10.47
C THR A 54 6.56 10.66 -9.93
N PRO A 55 5.55 10.34 -10.78
CA PRO A 55 4.18 10.36 -10.25
C PRO A 55 4.02 9.35 -9.08
N ALA A 56 4.72 8.23 -9.16
CA ALA A 56 4.68 7.26 -8.05
C ALA A 56 5.25 7.85 -6.78
N ASP A 57 6.37 8.56 -6.90
CA ASP A 57 6.98 9.21 -5.76
C ASP A 57 6.05 10.22 -5.13
N LEU A 58 5.31 10.97 -5.96
CA LEU A 58 4.40 11.97 -5.42
C LEU A 58 3.30 11.35 -4.58
N LEU A 59 2.81 10.18 -5.00
CA LEU A 59 1.83 9.45 -4.17
C LEU A 59 2.44 9.10 -2.82
N ALA A 60 3.65 8.56 -2.84
CA ALA A 60 4.33 8.17 -1.60
C ALA A 60 4.58 9.35 -0.69
N ALA A 61 4.90 10.49 -1.29
CA ALA A 61 5.17 11.68 -0.51
C ALA A 61 3.94 12.24 0.19
N VAL A 62 2.75 11.99 -0.38
CA VAL A 62 1.54 12.36 0.33
C VAL A 62 1.46 11.64 1.68
N GLU A 63 1.73 10.33 1.66
CA GLU A 63 1.71 9.59 2.91
C GLU A 63 2.78 9.97 3.90
N LEU A 64 3.94 10.34 3.40
CA LEU A 64 5.00 10.84 4.26
C LEU A 64 4.53 12.12 4.99
N ALA A 65 4.04 13.08 4.18
CA ALA A 65 3.58 14.34 4.76
C ALA A 65 2.39 14.17 5.72
N ASN A 66 1.44 13.31 5.33
CA ASN A 66 0.33 13.04 6.21
C ASN A 66 0.82 12.44 7.55
N ASN A 67 1.81 11.56 7.50
CA ASN A 67 2.35 10.99 8.74
C ASN A 67 3.04 12.02 9.62
N GLN A 68 3.81 12.92 8.99
CA GLN A 68 4.52 13.95 9.74
C GLN A 68 3.53 14.88 10.44
N LEU A 69 2.49 15.30 9.72
CA LEU A 69 1.39 16.02 10.36
C LEU A 69 0.77 15.24 11.51
N TYR A 70 0.52 13.96 11.26
CA TYR A 70 -0.21 13.17 12.27
C TYR A 70 0.54 13.01 13.56
N ILE A 71 1.86 12.95 13.54
CA ILE A 71 2.62 12.94 14.80
C ILE A 71 2.26 14.15 15.68
N THR A 72 2.13 15.31 15.06
CA THR A 72 1.83 16.53 15.84
C THR A 72 0.45 16.45 16.44
N VAL A 73 -0.47 15.82 15.73
CA VAL A 73 -1.83 15.60 16.21
C VAL A 73 -1.85 14.64 17.39
N LEU A 74 -1.17 13.51 17.24
CA LEU A 74 -1.09 12.56 18.34
C LEU A 74 -0.36 13.10 19.55
N ARG A 75 0.68 13.88 19.33
CA ARG A 75 1.39 14.48 20.47
C ARG A 75 0.48 15.43 21.24
N LYS A 76 -0.35 16.18 20.53
CA LYS A 76 -1.31 17.04 21.22
C LYS A 76 -2.29 16.22 22.07
N ASP A 77 -2.77 15.10 21.54
CA ASP A 77 -3.67 14.23 22.31
C ASP A 77 -2.95 13.65 23.51
N LEU A 78 -1.70 13.23 23.31
CA LEU A 78 -0.93 12.66 24.39
C LEU A 78 -0.69 13.65 25.51
N ARG A 79 -0.30 14.87 25.17
CA ARG A 79 -0.02 15.89 26.18
C ARG A 79 -1.30 16.20 26.95
N LYS A 80 -2.43 16.24 26.26
CA LYS A 80 -3.72 16.43 26.96
C LYS A 80 -3.97 15.31 27.98
N GLU A 81 -3.79 14.07 27.58
CA GLU A 81 -3.99 12.95 28.47
C GLU A 81 -3.00 12.96 29.65
N GLU A 82 -1.77 13.38 29.39
CA GLU A 82 -0.75 13.44 30.45
C GLU A 82 -1.05 14.49 31.53
N ARG A 83 -1.83 15.51 31.20
CA ARG A 83 -2.17 16.56 32.16
C ARG A 83 -3.29 16.11 33.09
N ILE A 84 -3.98 15.03 32.76
CA ILE A 84 -5.10 14.53 33.56
C ILE A 84 -4.55 13.72 34.74
N ARG A 85 -4.98 14.05 35.96
CA ARG A 85 -4.55 13.32 37.16
C ARG A 85 -5.77 12.76 37.87
N GLY A 86 -5.57 11.68 38.62
CA GLY A 86 -6.65 11.05 39.39
C GLY A 86 -7.41 10.00 38.60
N GLU A 87 -8.68 9.84 38.94
CA GLU A 87 -9.51 8.73 38.44
C GLU A 87 -9.73 8.75 36.92
N GLU A 88 -9.75 9.93 36.30
CA GLU A 88 -9.98 10.04 34.86
C GLU A 88 -8.71 9.81 34.02
N ARG A 89 -7.54 9.75 34.66
CA ARG A 89 -6.30 9.48 33.91
C ARG A 89 -6.36 8.12 33.25
N ASP A 90 -5.94 8.03 32.00
CA ASP A 90 -6.07 6.82 31.20
C ASP A 90 -4.68 6.35 30.81
N GLU A 91 -4.09 5.52 31.66
CA GLU A 91 -2.70 5.09 31.46
C GLU A 91 -2.58 4.24 30.19
N GLY A 92 -3.60 3.45 29.88
CA GLY A 92 -3.60 2.64 28.67
C GLY A 92 -3.53 3.46 27.41
N LEU A 93 -4.32 4.54 27.37
CA LEU A 93 -4.33 5.42 26.21
C LEU A 93 -2.99 6.13 26.06
N ILE A 94 -2.44 6.59 27.18
CA ILE A 94 -1.12 7.22 27.16
C ILE A 94 -0.06 6.26 26.60
N LYS A 95 -0.07 5.03 27.06
CA LYS A 95 0.86 4.01 26.57
C LYS A 95 0.68 3.79 25.07
N ASP A 96 -0.56 3.69 24.63
CA ASP A 96 -0.83 3.44 23.20
C ASP A 96 -0.39 4.60 22.33
N LEU A 97 -0.64 5.84 22.74
CA LEU A 97 -0.22 7.02 22.00
C LEU A 97 1.30 7.12 21.92
N ARG A 98 1.99 6.82 23.00
CA ARG A 98 3.47 6.84 22.97
C ARG A 98 4.00 5.91 21.91
N LYS A 99 3.42 4.71 21.85
CA LYS A 99 3.85 3.71 20.87
C LYS A 99 3.47 4.11 19.46
N GLN A 100 2.27 4.66 19.29
CA GLN A 100 1.86 5.10 17.95
C GLN A 100 2.79 6.15 17.37
N ILE A 101 3.24 7.08 18.22
CA ILE A 101 4.17 8.12 17.77
C ILE A 101 5.50 7.48 17.34
N VAL A 102 6.03 6.56 18.13
CA VAL A 102 7.29 5.89 17.79
C VAL A 102 7.11 5.13 16.48
N GLU A 103 5.97 4.44 16.30
CA GLU A 103 5.77 3.68 15.06
C GLU A 103 5.69 4.62 13.86
N LEU A 104 5.03 5.77 13.99
CA LEU A 104 5.02 6.76 12.90
C LEU A 104 6.40 7.26 12.59
N GLN A 105 7.18 7.56 13.62
CA GLN A 105 8.52 8.07 13.40
C GLN A 105 9.36 7.06 12.61
N ARG A 106 9.27 5.79 13.00
CA ARG A 106 10.05 4.75 12.34
C ARG A 106 9.58 4.54 10.90
N THR A 107 8.27 4.63 10.70
CA THR A 107 7.72 4.52 9.32
C THR A 107 8.22 5.68 8.45
N ILE A 108 8.24 6.89 9.01
CA ILE A 108 8.73 8.06 8.29
C ILE A 108 10.18 7.88 7.84
N LEU A 109 11.04 7.27 8.67
CA LEU A 109 12.40 7.03 8.25
C LEU A 109 12.42 6.13 7.05
N ALA A 110 11.60 5.09 7.03
CA ALA A 110 11.53 4.22 5.86
C ALA A 110 10.97 4.94 4.64
N GLN A 111 10.00 5.81 4.86
CA GLN A 111 9.40 6.59 3.76
C GLN A 111 10.38 7.56 3.16
N ARG A 112 11.22 8.16 3.99
CA ARG A 112 12.30 9.04 3.50
C ARG A 112 13.29 8.29 2.62
N ARG A 113 13.71 7.11 3.08
CA ARG A 113 14.65 6.32 2.32
C ARG A 113 14.06 5.87 0.99
N ASP A 114 12.79 5.47 1.00
CA ASP A 114 12.10 5.04 -0.22
C ASP A 114 12.08 6.16 -1.28
N LEU A 115 12.03 7.41 -0.82
CA LEU A 115 11.98 8.59 -1.70
C LEU A 115 13.34 9.19 -1.97
N GLN A 116 14.41 8.62 -1.42
CA GLN A 116 15.74 9.16 -1.54
C GLN A 116 15.83 10.60 -1.05
N ILE A 117 15.09 10.93 0.00
CA ILE A 117 15.25 12.19 0.70
C ILE A 117 15.77 12.03 2.13
N HIS A 118 16.23 10.82 2.45
CA HIS A 118 17.05 10.66 3.66
C HIS A 118 18.38 11.36 3.45
N SER A 119 19.10 11.66 4.51
CA SER A 119 20.37 12.39 4.35
C SER A 119 21.43 11.69 3.53
N HIS A 120 21.57 10.39 3.71
CA HIS A 120 22.62 9.73 2.84
C HIS A 120 22.52 10.06 1.32
N ALA A 121 21.30 10.06 0.79
CA ALA A 121 21.04 10.39 -0.61
C ALA A 121 21.25 11.86 -0.97
N THR A 122 20.80 12.78 -0.11
CA THR A 122 20.75 14.21 -0.46
C THR A 122 22.04 14.97 -0.12
N ASN A 123 22.79 14.50 0.87
CA ASN A 123 23.86 15.35 1.47
C ASN A 123 25.16 15.27 0.66
N VAL B 22 -2.00 6.19 -25.01
CA VAL B 22 -0.64 5.91 -25.58
C VAL B 22 0.49 6.05 -24.56
N ASP B 23 0.25 6.73 -23.45
CA ASP B 23 1.25 6.90 -22.42
C ASP B 23 0.99 6.06 -21.17
N THR B 24 0.05 5.12 -21.27
CA THR B 24 -0.23 4.22 -20.12
C THR B 24 -0.63 2.82 -20.60
N ILE B 25 -1.04 1.97 -19.65
CA ILE B 25 -1.40 0.59 -19.89
C ILE B 25 -2.69 0.32 -19.13
N ASP B 26 -3.63 -0.40 -19.74
CA ASP B 26 -4.86 -0.78 -19.07
C ASP B 26 -4.56 -1.85 -18.02
N PRO B 27 -5.28 -1.83 -16.91
CA PRO B 27 -5.06 -2.89 -15.92
C PRO B 27 -5.66 -4.23 -16.38
N PRO B 28 -5.03 -5.35 -15.98
CA PRO B 28 -5.58 -6.66 -16.29
C PRO B 28 -6.94 -6.85 -15.57
N SER B 29 -8.00 -7.15 -16.33
CA SER B 29 -9.35 -7.21 -15.75
CA SER B 29 -9.35 -7.20 -15.74
C SER B 29 -9.50 -8.20 -14.61
N HIS B 30 -8.85 -9.37 -14.76
CA HIS B 30 -8.95 -10.42 -13.77
C HIS B 30 -8.42 -10.05 -12.38
N ALA B 31 -7.54 -9.04 -12.33
CA ALA B 31 -6.87 -8.67 -11.09
C ALA B 31 -7.72 -7.80 -10.19
N GLY B 32 -8.82 -7.25 -10.70
CA GLY B 32 -9.73 -6.58 -9.79
C GLY B 32 -9.19 -5.25 -9.20
N LEU B 33 -8.66 -4.42 -10.08
CA LEU B 33 -8.36 -3.04 -9.70
C LEU B 33 -9.65 -2.33 -9.34
N GLU B 34 -9.76 -1.74 -8.16
CA GLU B 34 -10.95 -0.98 -7.79
C GLU B 34 -11.03 0.28 -8.64
N LYS B 35 -12.24 0.65 -9.08
CA LYS B 35 -12.30 1.79 -9.99
C LYS B 35 -11.71 3.08 -9.44
N LYS B 36 -11.90 3.36 -8.17
CA LYS B 36 -11.33 4.54 -7.55
C LYS B 36 -9.80 4.49 -7.39
N ALA B 37 -9.22 3.30 -7.58
CA ALA B 37 -7.76 3.17 -7.62
C ALA B 37 -7.13 3.52 -8.97
N GLU B 38 -7.94 3.73 -10.00
CA GLU B 38 -7.39 4.02 -11.33
C GLU B 38 -6.40 5.20 -11.43
N PRO B 39 -6.68 6.33 -10.76
CA PRO B 39 -5.70 7.42 -10.87
C PRO B 39 -4.35 7.07 -10.23
N PHE B 40 -4.39 6.23 -9.19
CA PHE B 40 -3.15 5.73 -8.59
C PHE B 40 -2.42 4.81 -9.55
N TRP B 41 -3.16 3.87 -10.15
CA TRP B 41 -2.63 2.96 -11.15
C TRP B 41 -1.86 3.70 -12.23
N HIS B 42 -2.49 4.71 -12.84
CA HIS B 42 -1.83 5.38 -13.95
C HIS B 42 -0.59 6.14 -13.52
N ASP B 43 -0.61 6.71 -12.32
CA ASP B 43 0.57 7.39 -11.81
C ASP B 43 1.73 6.41 -11.70
N ASN B 44 1.46 5.21 -11.17
CA ASN B 44 2.52 4.23 -11.04
C ASN B 44 3.03 3.71 -12.39
N ILE B 45 2.13 3.45 -13.33
CA ILE B 45 2.55 2.97 -14.64
C ILE B 45 3.47 3.97 -15.33
N ARG B 46 3.16 5.26 -15.15
CA ARG B 46 3.95 6.31 -15.78
C ARG B 46 5.27 6.59 -15.08
N SER B 47 5.66 5.81 -14.07
CA SER B 47 6.86 6.03 -13.33
C SER B 47 8.06 5.14 -13.72
N LYS B 48 7.85 4.24 -14.70
CA LYS B 48 8.96 3.59 -15.38
C LYS B 48 8.56 3.39 -16.83
N ALA B 49 9.55 3.03 -17.64
CA ALA B 49 9.30 2.89 -19.10
C ALA B 49 8.16 1.93 -19.39
N LEU B 50 7.26 2.29 -20.32
CA LEU B 50 6.14 1.44 -20.62
C LEU B 50 6.54 0.03 -21.02
N ASP B 51 7.64 -0.10 -21.77
CA ASP B 51 8.10 -1.41 -22.24
C ASP B 51 8.72 -2.30 -21.15
N SER B 52 8.91 -1.76 -19.95
CA SER B 52 9.46 -2.53 -18.83
C SER B 52 8.39 -3.15 -17.91
N TRP B 53 7.12 -2.88 -18.20
CA TRP B 53 6.01 -3.49 -17.47
C TRP B 53 5.70 -4.89 -18.01
N THR B 54 6.15 -5.93 -17.30
CA THR B 54 5.75 -7.29 -17.68
C THR B 54 4.33 -7.58 -17.25
N PRO B 55 3.70 -8.63 -17.79
CA PRO B 55 2.36 -8.98 -17.31
C PRO B 55 2.34 -9.27 -15.80
N ALA B 56 3.42 -9.90 -15.31
CA ALA B 56 3.52 -10.15 -13.86
C ALA B 56 3.57 -8.85 -13.08
N ASP B 57 4.34 -7.90 -13.57
CA ASP B 57 4.41 -6.59 -12.90
C ASP B 57 3.06 -5.91 -12.87
N LEU B 58 2.30 -6.03 -13.96
CA LEU B 58 0.98 -5.40 -13.98
C LEU B 58 0.05 -5.97 -12.93
N LEU B 59 0.13 -7.28 -12.68
CA LEU B 59 -0.66 -7.88 -11.60
C LEU B 59 -0.27 -7.26 -10.25
N ALA B 60 1.03 -7.18 -10.01
CA ALA B 60 1.52 -6.61 -8.75
C ALA B 60 1.13 -5.16 -8.59
N ALA B 61 1.13 -4.43 -9.68
CA ALA B 61 0.79 -3.01 -9.66
C ALA B 61 -0.68 -2.76 -9.33
N VAL B 62 -1.55 -3.74 -9.64
CA VAL B 62 -2.92 -3.62 -9.21
C VAL B 62 -3.02 -3.54 -7.70
N GLU B 63 -2.29 -4.44 -7.03
CA GLU B 63 -2.32 -4.43 -5.58
C GLU B 63 -1.68 -3.22 -4.93
N LEU B 64 -0.64 -2.69 -5.58
CA LEU B 64 -0.07 -1.43 -5.11
C LEU B 64 -1.11 -0.32 -5.15
N ALA B 65 -1.73 -0.17 -6.32
CA ALA B 65 -2.75 0.89 -6.49
C ALA B 65 -3.95 0.71 -5.54
N ASN B 66 -4.42 -0.54 -5.41
CA ASN B 66 -5.50 -0.81 -4.49
C ASN B 66 -5.11 -0.42 -3.05
N ASN B 67 -3.87 -0.71 -2.64
CA ASN B 67 -3.45 -0.32 -1.31
C ASN B 67 -3.37 1.18 -1.11
N GLN B 68 -2.87 1.90 -2.12
CA GLN B 68 -2.76 3.35 -2.03
C GLN B 68 -4.15 4.00 -1.90
N LEU B 69 -5.10 3.51 -2.70
CA LEU B 69 -6.48 3.92 -2.51
C LEU B 69 -6.97 3.62 -1.12
N TYR B 70 -6.69 2.39 -0.64
CA TYR B 70 -7.28 1.97 0.62
C TYR B 70 -6.81 2.77 1.81
N ILE B 71 -5.58 3.27 1.80
CA ILE B 71 -5.16 4.17 2.87
C ILE B 71 -6.09 5.37 3.02
N THR B 72 -6.51 5.93 1.88
CA THR B 72 -7.38 7.12 1.91
C THR B 72 -8.74 6.77 2.49
N VAL B 73 -9.20 5.55 2.24
CA VAL B 73 -10.45 5.06 2.77
C VAL B 73 -10.37 4.87 4.26
N LEU B 74 -9.31 4.20 4.72
CA LEU B 74 -9.14 3.99 6.15
C LEU B 74 -8.91 5.28 6.89
N ARG B 75 -8.19 6.24 6.30
CA ARG B 75 -8.02 7.53 6.97
C ARG B 75 -9.36 8.25 7.17
N LYS B 76 -10.23 8.15 6.18
CA LYS B 76 -11.57 8.73 6.33
C LYS B 76 -12.32 8.08 7.49
N ASP B 77 -12.24 6.76 7.61
CA ASP B 77 -12.90 6.03 8.71
C ASP B 77 -12.30 6.46 10.03
N LEU B 78 -10.97 6.57 10.08
CA LEU B 78 -10.29 6.97 11.28
C LEU B 78 -10.68 8.34 11.75
N ARG B 79 -10.72 9.29 10.84
CA ARG B 79 -11.06 10.68 11.19
C ARG B 79 -12.51 10.72 11.70
N LYS B 80 -13.39 9.94 11.09
CA LYS B 80 -14.77 9.83 11.59
C LYS B 80 -14.82 9.34 13.03
N GLU B 81 -14.09 8.27 13.33
CA GLU B 81 -14.08 7.73 14.67
C GLU B 81 -13.44 8.70 15.66
N GLU B 82 -12.43 9.44 15.23
CA GLU B 82 -11.78 10.40 16.12
C GLU B 82 -12.66 11.59 16.50
N ARG B 83 -13.67 11.90 15.69
CA ARG B 83 -14.57 13.00 15.99
C ARG B 83 -15.61 12.61 17.02
N ILE B 84 -15.77 11.32 17.30
CA ILE B 84 -16.78 10.84 18.26
C ILE B 84 -16.22 10.99 19.67
N ARG B 85 -16.99 11.63 20.56
CA ARG B 85 -16.58 11.82 21.96
C ARG B 85 -17.63 11.19 22.88
N GLY B 86 -17.20 10.79 24.07
CA GLY B 86 -18.10 10.20 25.06
C GLY B 86 -18.24 8.70 24.92
N GLU B 87 -19.39 8.19 25.33
CA GLU B 87 -19.64 6.74 25.46
C GLU B 87 -19.52 5.96 24.15
N GLU B 88 -19.86 6.59 23.02
CA GLU B 88 -19.82 5.90 21.73
C GLU B 88 -18.43 5.86 21.11
N ARG B 89 -17.47 6.61 21.65
CA ARG B 89 -16.10 6.56 21.12
C ARG B 89 -15.52 5.16 21.23
N ASP B 90 -14.86 4.70 20.17
CA ASP B 90 -14.35 3.33 20.11
C ASP B 90 -12.82 3.38 20.01
N GLU B 91 -12.18 3.38 21.16
CA GLU B 91 -10.72 3.53 21.21
C GLU B 91 -10.03 2.35 20.55
N GLY B 92 -10.59 1.15 20.70
CA GLY B 92 -10.02 -0.04 20.07
C GLY B 92 -10.00 0.06 18.56
N LEU B 93 -11.08 0.55 17.97
CA LEU B 93 -11.16 0.69 16.54
C LEU B 93 -10.19 1.77 16.05
N ILE B 94 -10.09 2.85 16.78
CA ILE B 94 -9.13 3.91 16.45
C ILE B 94 -7.70 3.34 16.45
N LYS B 95 -7.36 2.59 17.46
CA LYS B 95 -6.03 1.97 17.55
C LYS B 95 -5.79 1.03 16.37
N ASP B 96 -6.80 0.23 16.04
CA ASP B 96 -6.65 -0.73 14.94
C ASP B 96 -6.48 -0.05 13.59
N LEU B 97 -7.24 1.02 13.33
CA LEU B 97 -7.12 1.76 12.08
C LEU B 97 -5.75 2.45 11.96
N ARG B 98 -5.26 2.99 13.05
CA ARG B 98 -3.90 3.61 13.02
C ARG B 98 -2.87 2.60 12.59
N LYS B 99 -2.96 1.39 13.14
CA LYS B 99 -2.00 0.33 12.81
C LYS B 99 -2.19 -0.15 11.38
N GLN B 100 -3.44 -0.31 10.94
CA GLN B 100 -3.68 -0.75 9.58
C GLN B 100 -3.09 0.20 8.55
N ILE B 101 -3.20 1.51 8.80
CA ILE B 101 -2.62 2.50 7.90
C ILE B 101 -1.10 2.35 7.84
N VAL B 102 -0.45 2.23 9.00
CA VAL B 102 1.00 2.05 9.02
C VAL B 102 1.40 0.76 8.29
N GLU B 103 0.65 -0.32 8.50
CA GLU B 103 0.99 -1.58 7.81
C GLU B 103 0.83 -1.46 6.31
N LEU B 104 -0.21 -0.76 5.84
CA LEU B 104 -0.37 -0.51 4.39
C LEU B 104 0.78 0.31 3.86
N GLN B 105 1.16 1.35 4.60
CA GLN B 105 2.24 2.21 4.12
C GLN B 105 3.53 1.41 3.98
N ARG B 106 3.83 0.57 4.95
CA ARG B 106 5.06 -0.23 4.89
C ARG B 106 5.00 -1.26 3.77
N THR B 107 3.83 -1.84 3.56
CA THR B 107 3.64 -2.78 2.44
C THR B 107 3.87 -2.09 1.09
N ILE B 108 3.33 -0.87 0.96
CA ILE B 108 3.49 -0.10 -0.28
C ILE B 108 4.97 0.17 -0.59
N LEU B 109 5.78 0.44 0.43
CA LEU B 109 7.20 0.64 0.17
C LEU B 109 7.80 -0.63 -0.42
N ALA B 110 7.45 -1.78 0.13
CA ALA B 110 7.93 -3.05 -0.44
C ALA B 110 7.41 -3.30 -1.84
N GLN B 111 6.16 -2.93 -2.09
CA GLN B 111 5.56 -3.10 -3.41
C GLN B 111 6.21 -2.22 -4.45
N ARG B 112 6.58 -1.00 -4.06
CA ARG B 112 7.32 -0.11 -4.96
C ARG B 112 8.67 -0.69 -5.33
N ARG B 113 9.41 -1.18 -4.34
CA ARG B 113 10.72 -1.78 -4.59
C ARG B 113 10.60 -3.01 -5.49
N ASP B 114 9.59 -3.84 -5.28
CA ASP B 114 9.38 -5.03 -6.09
C ASP B 114 9.18 -4.67 -7.57
N LEU B 115 8.59 -3.50 -7.83
CA LEU B 115 8.29 -3.03 -9.19
C LEU B 115 9.36 -2.09 -9.75
N GLN B 116 10.42 -1.85 -8.99
CA GLN B 116 11.46 -0.90 -9.37
C GLN B 116 10.91 0.49 -9.69
N ILE B 117 9.90 0.91 -8.94
CA ILE B 117 9.42 2.29 -9.01
C ILE B 117 9.64 3.03 -7.69
N HIS B 118 10.43 2.46 -6.80
CA HIS B 118 10.99 3.23 -5.68
C HIS B 118 11.96 4.25 -6.25
N SER B 119 12.29 5.27 -5.49
CA SER B 119 13.18 6.33 -6.01
C SER B 119 14.58 5.85 -6.36
N HIS B 120 15.16 4.98 -5.56
CA HIS B 120 16.54 4.54 -5.97
C HIS B 120 16.66 4.03 -7.44
N ALA B 121 15.66 3.26 -7.88
CA ALA B 121 15.60 2.74 -9.25
C ALA B 121 15.31 3.79 -10.31
N THR B 122 14.38 4.71 -10.04
CA THR B 122 13.89 5.64 -11.07
C THR B 122 14.72 6.93 -11.19
N ASN B 123 15.37 7.30 -10.09
CA ASN B 123 16.04 8.59 -9.99
C ASN B 123 17.48 8.38 -10.48
N ASP C 23 2.88 -19.76 -26.67
CA ASP C 23 3.51 -18.69 -25.89
C ASP C 23 3.34 -18.89 -24.38
N THR C 24 2.87 -20.06 -23.94
CA THR C 24 2.70 -20.32 -22.51
C THR C 24 2.91 -21.81 -22.19
N ILE C 25 2.66 -22.19 -20.92
CA ILE C 25 2.89 -23.52 -20.40
C ILE C 25 1.66 -23.95 -19.60
N ASP C 26 1.23 -25.19 -19.74
CA ASP C 26 0.12 -25.72 -18.95
C ASP C 26 0.57 -25.91 -17.49
N PRO C 27 -0.32 -25.64 -16.54
CA PRO C 27 0.05 -25.89 -15.14
C PRO C 27 0.09 -27.38 -14.81
N PRO C 28 0.98 -27.78 -13.90
CA PRO C 28 1.02 -29.16 -13.43
C PRO C 28 -0.28 -29.52 -12.69
N SER C 29 -0.97 -30.58 -13.16
CA SER C 29 -2.30 -30.92 -12.63
CA SER C 29 -2.31 -30.90 -12.63
C SER C 29 -2.33 -31.18 -11.13
N HIS C 30 -1.30 -31.86 -10.64
CA HIS C 30 -1.22 -32.22 -9.24
C HIS C 30 -1.18 -31.03 -8.27
N ALA C 31 -0.76 -29.88 -8.79
CA ALA C 31 -0.60 -28.71 -7.94
C ALA C 31 -1.90 -27.96 -7.67
N GLY C 32 -2.95 -28.25 -8.41
CA GLY C 32 -4.25 -27.69 -8.06
C GLY C 32 -4.37 -26.20 -8.29
N LEU C 33 -3.97 -25.74 -9.46
CA LEU C 33 -4.26 -24.35 -9.85
C LEU C 33 -5.77 -24.15 -9.93
N GLU C 34 -6.29 -23.15 -9.21
CA GLU C 34 -7.72 -22.89 -9.27
C GLU C 34 -8.12 -22.39 -10.63
N LYS C 35 -9.30 -22.78 -11.12
CA LYS C 35 -9.65 -22.41 -12.49
C LYS C 35 -9.60 -20.90 -12.76
N LYS C 36 -10.11 -20.12 -11.79
CA LYS C 36 -10.11 -18.67 -11.94
C LYS C 36 -8.71 -18.05 -11.77
N ALA C 37 -7.73 -18.84 -11.34
CA ALA C 37 -6.35 -18.37 -11.28
C ALA C 37 -5.62 -18.47 -12.63
N GLU C 38 -6.24 -19.14 -13.63
CA GLU C 38 -5.58 -19.31 -14.91
C GLU C 38 -5.07 -18.03 -15.59
N PRO C 39 -5.86 -16.95 -15.62
CA PRO C 39 -5.32 -15.75 -16.29
C PRO C 39 -4.12 -15.15 -15.55
N PHE C 40 -4.08 -15.33 -14.22
CA PHE C 40 -2.91 -14.90 -13.45
C PHE C 40 -1.70 -15.76 -13.79
N TRP C 41 -1.90 -17.07 -13.81
CA TRP C 41 -0.89 -18.03 -14.21
C TRP C 41 -0.23 -17.65 -15.51
N HIS C 42 -1.04 -17.43 -16.56
CA HIS C 42 -0.45 -17.16 -17.86
C HIS C 42 0.30 -15.85 -17.88
N ASP C 43 -0.19 -14.84 -17.17
CA ASP C 43 0.53 -13.57 -17.09
C ASP C 43 1.92 -13.78 -16.49
N ASN C 44 2.00 -14.56 -15.41
CA ASN C 44 3.30 -14.83 -14.80
C ASN C 44 4.22 -15.64 -15.69
N ILE C 45 3.71 -16.68 -16.35
CA ILE C 45 4.53 -17.51 -17.23
C ILE C 45 5.15 -16.67 -18.35
N ARG C 46 4.37 -15.74 -18.86
CA ARG C 46 4.83 -14.88 -19.95
C ARG C 46 5.78 -13.77 -19.54
N SER C 47 6.19 -13.72 -18.26
CA SER C 47 7.05 -12.68 -17.78
C SER C 47 8.53 -13.05 -17.65
N LYS C 48 8.88 -14.30 -18.01
CA LYS C 48 10.27 -14.65 -18.25
C LYS C 48 10.29 -15.68 -19.37
N ALA C 49 11.49 -15.94 -19.88
CA ALA C 49 11.61 -16.84 -21.05
C ALA C 49 10.99 -18.20 -20.79
N LEU C 50 10.23 -18.73 -21.75
CA LEU C 50 9.58 -20.01 -21.55
C LEU C 50 10.54 -21.13 -21.16
N ASP C 51 11.74 -21.14 -21.74
CA ASP C 51 12.72 -22.18 -21.46
C ASP C 51 13.38 -22.09 -20.09
N SER C 52 13.11 -21.01 -19.35
CA SER C 52 13.68 -20.85 -18.00
C SER C 52 12.74 -21.33 -16.89
N TRP C 53 11.54 -21.80 -17.25
CA TRP C 53 10.61 -22.37 -16.29
C TRP C 53 10.95 -23.84 -16.03
N THR C 54 11.59 -24.14 -14.89
CA THR C 54 11.82 -25.53 -14.50
C THR C 54 10.54 -26.14 -13.96
N PRO C 55 10.47 -27.49 -13.86
CA PRO C 55 9.27 -28.08 -13.25
C PRO C 55 9.05 -27.57 -11.82
N ALA C 56 10.14 -27.38 -11.09
CA ALA C 56 10.02 -26.81 -9.71
C ALA C 56 9.42 -25.42 -9.75
N ASP C 57 9.88 -24.59 -10.68
CA ASP C 57 9.33 -23.24 -10.81
C ASP C 57 7.85 -23.28 -11.12
N LEU C 58 7.43 -24.22 -11.97
CA LEU C 58 6.02 -24.30 -12.32
C LEU C 58 5.15 -24.62 -11.10
N LEU C 59 5.64 -25.47 -10.20
CA LEU C 59 4.92 -25.72 -8.95
C LEU C 59 4.78 -24.44 -8.14
N ALA C 60 5.87 -23.71 -8.02
CA ALA C 60 5.86 -22.46 -7.23
C ALA C 60 4.94 -21.44 -7.84
N ALA C 61 4.89 -21.40 -9.16
CA ALA C 61 4.03 -20.45 -9.86
C ALA C 61 2.56 -20.75 -9.68
N VAL C 62 2.19 -22.01 -9.44
CA VAL C 62 0.81 -22.30 -9.12
C VAL C 62 0.39 -21.60 -7.84
N GLU C 63 1.25 -21.67 -6.82
CA GLU C 63 0.94 -21.00 -5.58
C GLU C 63 0.92 -19.50 -5.65
N LEU C 64 1.77 -18.94 -6.49
CA LEU C 64 1.75 -17.50 -6.73
C LEU C 64 0.40 -17.09 -7.34
N ALA C 65 0.03 -17.78 -8.42
CA ALA C 65 -1.25 -17.47 -9.08
C ALA C 65 -2.45 -17.70 -8.18
N ASN C 66 -2.45 -18.80 -7.42
CA ASN C 66 -3.52 -19.05 -6.48
C ASN C 66 -3.62 -17.91 -5.45
N ASN C 67 -2.47 -17.41 -4.97
CA ASN C 67 -2.51 -16.31 -4.02
C ASN C 67 -3.05 -15.01 -4.63
N GLN C 68 -2.64 -14.73 -5.86
CA GLN C 68 -3.11 -13.50 -6.55
C GLN C 68 -4.63 -13.56 -6.74
N LEU C 69 -5.14 -14.70 -7.18
CA LEU C 69 -6.58 -14.89 -7.21
C LEU C 69 -7.22 -14.71 -5.85
N TYR C 70 -6.61 -15.30 -4.82
CA TYR C 70 -7.24 -15.29 -3.49
C TYR C 70 -7.36 -13.92 -2.89
N ILE C 71 -6.44 -13.01 -3.19
CA ILE C 71 -6.62 -11.62 -2.73
C ILE C 71 -7.94 -11.05 -3.21
N THR C 72 -8.29 -11.32 -4.47
CA THR C 72 -9.54 -10.79 -5.02
C THR C 72 -10.74 -11.36 -4.33
N VAL C 73 -10.64 -12.63 -3.93
CA VAL C 73 -11.71 -13.30 -3.20
C VAL C 73 -11.87 -12.71 -1.82
N LEU C 74 -10.75 -12.55 -1.09
CA LEU C 74 -10.83 -11.97 0.23
C LEU C 74 -11.27 -10.51 0.20
N ARG C 75 -10.84 -9.75 -0.80
CA ARG C 75 -11.31 -8.37 -0.90
C ARG C 75 -12.82 -8.29 -1.12
N LYS C 76 -13.34 -9.21 -1.91
CA LYS C 76 -14.83 -9.26 -2.09
C LYS C 76 -15.50 -9.51 -0.75
N ASP C 77 -14.98 -10.44 0.06
CA ASP C 77 -15.56 -10.72 1.37
C ASP C 77 -15.44 -9.50 2.28
N LEU C 78 -14.29 -8.84 2.24
CA LEU C 78 -14.06 -7.67 3.06
C LEU C 78 -15.03 -6.54 2.73
N ARG C 79 -15.18 -6.27 1.44
CA ARG C 79 -16.06 -5.18 1.01
C ARG C 79 -17.50 -5.50 1.40
N LYS C 80 -17.89 -6.75 1.31
CA LYS C 80 -19.23 -7.16 1.79
C LYS C 80 -19.40 -6.85 3.26
N GLU C 81 -18.44 -7.22 4.09
CA GLU C 81 -18.52 -6.94 5.50
C GLU C 81 -18.52 -5.45 5.81
N GLU C 82 -17.77 -4.67 5.05
CA GLU C 82 -17.72 -3.22 5.23
C GLU C 82 -19.04 -2.50 4.91
N ARG C 83 -19.85 -3.13 4.07
CA ARG C 83 -21.16 -2.52 3.70
C ARG C 83 -22.19 -2.77 4.76
N ILE C 84 -21.95 -3.68 5.69
CA ILE C 84 -22.89 -4.00 6.76
C ILE C 84 -22.77 -2.93 7.86
N ARG C 85 -23.91 -2.35 8.25
CA ARG C 85 -23.92 -1.35 9.34
C ARG C 85 -24.81 -1.81 10.48
N GLY C 86 -24.50 -1.38 11.69
CA GLY C 86 -25.31 -1.71 12.85
C GLY C 86 -24.87 -2.98 13.55
N GLU C 87 -25.83 -3.66 14.18
CA GLU C 87 -25.54 -4.79 15.08
C GLU C 87 -24.87 -5.99 14.42
N GLU C 88 -25.13 -6.22 13.13
CA GLU C 88 -24.55 -7.36 12.42
C GLU C 88 -23.13 -7.09 11.90
N ARG C 89 -22.68 -5.84 11.94
CA ARG C 89 -21.31 -5.54 11.49
C ARG C 89 -20.30 -6.28 12.37
N ASP C 90 -19.28 -6.85 11.74
CA ASP C 90 -18.31 -7.71 12.44
C ASP C 90 -16.93 -7.09 12.31
N GLU C 91 -16.59 -6.25 13.28
CA GLU C 91 -15.32 -5.50 13.24
C GLU C 91 -14.12 -6.44 13.29
N GLY C 92 -14.24 -7.52 14.05
CA GLY C 92 -13.17 -8.50 14.14
C GLY C 92 -12.85 -9.17 12.82
N LEU C 93 -13.89 -9.54 12.09
CA LEU C 93 -13.73 -10.17 10.80
C LEU C 93 -13.09 -9.18 9.80
N ILE C 94 -13.56 -7.94 9.83
CA ILE C 94 -13.00 -6.91 8.98
C ILE C 94 -11.49 -6.76 9.25
N LYS C 95 -11.12 -6.68 10.51
CA LYS C 95 -9.71 -6.57 10.90
C LYS C 95 -8.90 -7.75 10.40
N ASP C 96 -9.45 -8.95 10.57
CA ASP C 96 -8.73 -10.17 10.17
C ASP C 96 -8.53 -10.24 8.66
N LEU C 97 -9.56 -9.88 7.88
CA LEU C 97 -9.46 -9.88 6.42
C LEU C 97 -8.43 -8.85 5.93
N ARG C 98 -8.42 -7.68 6.53
CA ARG C 98 -7.42 -6.65 6.14
C ARG C 98 -6.03 -7.20 6.30
N LYS C 99 -5.78 -7.89 7.42
CA LYS C 99 -4.45 -8.44 7.67
C LYS C 99 -4.14 -9.59 6.74
N GLN C 100 -5.12 -10.46 6.47
CA GLN C 100 -4.89 -11.57 5.55
C GLN C 100 -4.49 -11.10 4.16
N ILE C 101 -5.12 -10.01 3.70
CA ILE C 101 -4.75 -9.45 2.40
C ILE C 101 -3.32 -8.94 2.39
N VAL C 102 -2.93 -8.21 3.42
CA VAL C 102 -1.55 -7.71 3.52
C VAL C 102 -0.57 -8.87 3.56
N GLU C 103 -0.89 -9.91 4.32
CA GLU C 103 0.04 -11.05 4.39
C GLU C 103 0.17 -11.75 3.05
N LEU C 104 -0.93 -11.89 2.30
CA LEU C 104 -0.85 -12.45 0.95
C LEU C 104 -0.01 -11.58 0.04
N GLN C 105 -0.20 -10.26 0.12
CA GLN C 105 0.55 -9.36 -0.73
C GLN C 105 2.04 -9.51 -0.47
N ARG C 106 2.42 -9.55 0.79
CA ARG C 106 3.85 -9.66 1.15
C ARG C 106 4.40 -11.00 0.70
N THR C 107 3.61 -12.05 0.85
CA THR C 107 4.03 -13.38 0.38
C THR C 107 4.26 -13.40 -1.14
N ILE C 108 3.33 -12.76 -1.87
CA ILE C 108 3.46 -12.66 -3.33
C ILE C 108 4.76 -11.98 -3.75
N LEU C 109 5.18 -10.93 -3.03
CA LEU C 109 6.44 -10.30 -3.36
C LEU C 109 7.58 -11.28 -3.22
N ALA C 110 7.58 -12.07 -2.16
CA ALA C 110 8.60 -13.10 -1.99
C ALA C 110 8.52 -14.18 -3.08
N GLN C 111 7.32 -14.54 -3.46
CA GLN C 111 7.11 -15.55 -4.51
C GLN C 111 7.59 -15.09 -5.86
N ARG C 112 7.40 -13.80 -6.14
CA ARG C 112 7.92 -13.23 -7.39
C ARG C 112 9.44 -13.26 -7.43
N ARG C 113 10.07 -12.87 -6.34
CA ARG C 113 11.53 -12.87 -6.26
C ARG C 113 12.08 -14.29 -6.39
N ASP C 114 11.43 -15.27 -5.75
CA ASP C 114 11.86 -16.66 -5.84
C ASP C 114 11.84 -17.18 -7.29
N LEU C 115 10.93 -16.65 -8.10
CA LEU C 115 10.77 -17.06 -9.51
C LEU C 115 11.52 -16.17 -10.49
N GLN C 116 12.21 -15.15 -9.98
CA GLN C 116 12.89 -14.17 -10.80
C GLN C 116 11.95 -13.49 -11.80
N ILE C 117 10.72 -13.24 -11.36
CA ILE C 117 9.78 -12.40 -12.11
C ILE C 117 9.45 -11.11 -11.41
N HIS C 118 10.19 -10.80 -10.35
CA HIS C 118 10.16 -9.43 -9.80
C HIS C 118 10.81 -8.50 -10.83
N SER C 119 10.57 -7.21 -10.71
CA SER C 119 11.12 -6.29 -11.72
C SER C 119 12.63 -6.23 -11.80
N HIS C 120 13.29 -6.26 -10.68
CA HIS C 120 14.79 -6.22 -10.79
C HIS C 120 15.40 -7.26 -11.79
N ALA C 121 14.87 -8.49 -11.76
CA ALA C 121 15.29 -9.56 -12.66
C ALA C 121 14.88 -9.38 -14.12
N THR C 122 13.64 -8.93 -14.36
CA THR C 122 13.06 -8.93 -15.71
C THR C 122 13.36 -7.65 -16.50
N ASN C 123 13.67 -6.54 -15.81
CA ASN C 123 13.85 -5.24 -16.49
C ASN C 123 15.16 -5.13 -17.29
#